data_6O7C
#
_entry.id   6O7C
#
_cell.length_a   125.569
_cell.length_b   125.569
_cell.length_c   82.787
_cell.angle_alpha   90.000
_cell.angle_beta   90.000
_cell.angle_gamma   90.000
#
_symmetry.space_group_name_H-M   'I 4'
#
loop_
_entity.id
_entity.type
_entity.pdbx_description
1 polymer 'Ion channel CASTOR'
2 non-polymer 'CALCIUM ION'
3 non-polymer 'MAGNESIUM ION'
4 non-polymer 'POTASSIUM ION'
5 non-polymer 'SODIUM ION'
6 water water
#
_entity_poly.entity_id   1
_entity_poly.type   'polypeptide(L)'
_entity_poly.pdbx_seq_one_letter_code
;KGKSEVVEQNHTLILGWSDKLGSLLNQLAIANESLGGGTIAVMAERDKEDMELDIGKMEFDFKGTSVICRSGSPLILADL
KKVSVSKARTIIVLAEDGNADQSDARALRTVLSLTGVKEGLRGHIVVEMSDLDNEVLVKLVGGDLVETVVAHDVIGRLMI
QCARQPGLAQIWEDILGFENCEFYIKRWPQLDGMLFEDVLISFPAAIPCGIKVASYGGKIILNPDDSYVLQEGDEVLVIA
EDDDTYAPAPLPMVRRGSLPKDFVYPKSPERILFCGWRRDMEDMITVLDASLAPDSELWMFNDVPEKEREKKLIDGGLDI
SRLENISLVNREGNAVIRRHLESLPLESFDSILILADESVEDSAIQADSRSLATLLLIRDIQARRLPYVAMASQTQGGNF
SKGSWIGEMKQASDKTVIISEILDPRTKNLLSMSKISDYVLSNELVSMALAMVAEDRQINDVLEELFAEEGNEMHIRQAD
IYLREGEEMSFYEIMLRARQRREILIGYRLANAERAVINPPAKTGRRKWSLKDVFVVITEKE
;
_entity_poly.pdbx_strand_id   A
#
loop_
_chem_comp.id
_chem_comp.type
_chem_comp.name
_chem_comp.formula
CA non-polymer 'CALCIUM ION' 'Ca 2'
K non-polymer 'POTASSIUM ION' 'K 1'
MG non-polymer 'MAGNESIUM ION' 'Mg 2'
NA non-polymer 'SODIUM ION' 'Na 1'
#
# COMPACT_ATOMS: atom_id res chain seq x y z
N GLN A 9 -19.88 -11.83 19.52
CA GLN A 9 -18.53 -11.73 20.07
C GLN A 9 -17.65 -10.75 19.26
N ASN A 10 -17.84 -10.65 17.94
CA ASN A 10 -17.38 -9.55 17.07
C ASN A 10 -15.88 -9.28 17.17
N HIS A 11 -15.11 -10.31 17.50
CA HIS A 11 -13.66 -10.35 17.56
C HIS A 11 -13.07 -10.51 16.16
N THR A 12 -11.73 -10.32 16.06
CA THR A 12 -11.04 -10.59 14.81
C THR A 12 -10.52 -12.01 14.92
N LEU A 13 -10.76 -12.86 13.91
CA LEU A 13 -10.19 -14.21 13.94
C LEU A 13 -9.07 -14.29 12.89
N ILE A 14 -7.89 -14.75 13.28
CA ILE A 14 -6.79 -14.92 12.34
C ILE A 14 -6.54 -16.40 12.22
N LEU A 15 -6.55 -16.91 10.98
CA LEU A 15 -6.31 -18.32 10.73
C LEU A 15 -4.93 -18.50 10.13
N GLY A 16 -4.04 -19.12 10.89
CA GLY A 16 -2.71 -19.47 10.44
C GLY A 16 -1.65 -18.78 11.29
N TRP A 17 -0.40 -18.99 10.90
CA TRP A 17 0.73 -18.40 11.63
C TRP A 17 1.75 -18.04 10.57
N SER A 18 2.42 -16.88 10.67
CA SER A 18 3.47 -16.56 9.72
C SER A 18 4.39 -15.49 10.31
N ASP A 19 5.40 -15.13 9.51
CA ASP A 19 6.36 -14.07 9.85
C ASP A 19 5.66 -12.71 9.97
N LYS A 20 4.49 -12.55 9.33
CA LYS A 20 3.71 -11.31 9.37
C LYS A 20 2.79 -11.23 10.57
N LEU A 21 2.60 -12.29 11.34
CA LEU A 21 1.57 -12.27 12.38
C LEU A 21 1.81 -11.17 13.40
N GLY A 22 3.05 -11.01 13.89
CA GLY A 22 3.27 -10.02 14.95
C GLY A 22 2.90 -8.61 14.48
N SER A 23 3.28 -8.25 13.28
CA SER A 23 2.97 -6.90 12.84
C SER A 23 1.49 -6.74 12.55
N LEU A 24 0.83 -7.81 12.09
CA LEU A 24 -0.64 -7.72 11.94
C LEU A 24 -1.32 -7.51 13.30
N LEU A 25 -0.93 -8.29 14.32
CA LEU A 25 -1.50 -8.07 15.65
C LEU A 25 -1.30 -6.64 16.10
N ASN A 26 -0.07 -6.15 15.95
CA ASN A 26 0.23 -4.75 16.36
C ASN A 26 -0.79 -3.78 15.70
N GLN A 27 -0.98 -3.90 14.39
CA GLN A 27 -1.88 -3.00 13.65
C GLN A 27 -3.31 -3.07 14.18
N LEU A 28 -3.77 -4.30 14.45
CA LEU A 28 -5.13 -4.46 15.00
C LEU A 28 -5.23 -3.88 16.39
N ALA A 29 -4.17 -3.98 17.19
CA ALA A 29 -4.20 -3.38 18.52
C ALA A 29 -4.28 -1.88 18.40
N ILE A 30 -3.54 -1.31 17.44
CA ILE A 30 -3.62 0.15 17.22
C ILE A 30 -5.04 0.55 16.80
N ALA A 31 -5.62 -0.21 15.85
CA ALA A 31 -6.96 0.08 15.38
C ALA A 31 -7.96 -0.04 16.55
N ASN A 32 -7.75 -0.96 17.45
CA ASN A 32 -8.72 -1.18 18.53
C ASN A 32 -8.52 -0.21 19.69
N GLU A 33 -7.40 0.55 19.73
CA GLU A 33 -7.08 1.34 20.93
C GLU A 33 -8.22 2.30 21.28
N SER A 34 -8.82 2.92 20.26
CA SER A 34 -9.88 3.90 20.55
C SER A 34 -11.12 3.27 21.19
N LEU A 35 -11.27 1.95 21.16
CA LEU A 35 -12.35 1.23 21.83
C LEU A 35 -12.01 0.85 23.25
N GLY A 36 -10.76 1.09 23.65
CA GLY A 36 -10.26 0.53 24.88
C GLY A 36 -9.74 -0.91 24.74
N GLY A 37 -9.50 -1.38 23.54
CA GLY A 37 -9.07 -2.74 23.25
C GLY A 37 -10.20 -3.56 22.65
N GLY A 38 -9.82 -4.63 21.98
CA GLY A 38 -10.79 -5.66 21.58
C GLY A 38 -10.23 -7.05 21.84
N THR A 39 -10.60 -8.02 21.02
CA THR A 39 -10.25 -9.43 21.17
C THR A 39 -9.76 -9.93 19.82
N ILE A 40 -8.65 -10.63 19.82
CA ILE A 40 -8.16 -11.30 18.61
C ILE A 40 -8.00 -12.78 18.93
N ALA A 41 -8.57 -13.65 18.10
CA ALA A 41 -8.32 -15.08 18.29
C ALA A 41 -7.36 -15.53 17.20
N VAL A 42 -6.37 -16.38 17.55
CA VAL A 42 -5.43 -16.86 16.54
C VAL A 42 -5.51 -18.39 16.57
N MET A 43 -5.80 -19.00 15.44
CA MET A 43 -5.86 -20.46 15.41
C MET A 43 -4.88 -20.97 14.38
N ALA A 44 -4.05 -21.93 14.77
CA ALA A 44 -2.98 -22.35 13.89
C ALA A 44 -2.71 -23.82 14.20
N GLU A 45 -2.15 -24.53 13.23
CA GLU A 45 -1.83 -25.94 13.51
C GLU A 45 -0.45 -26.02 14.16
N ARG A 46 -0.41 -25.56 15.41
CA ARG A 46 0.78 -25.50 16.24
C ARG A 46 0.31 -25.84 17.63
N ASP A 47 1.25 -26.15 18.49
CA ASP A 47 0.92 -26.36 19.89
C ASP A 47 0.48 -25.05 20.57
N LYS A 48 -0.62 -25.12 21.32
CA LYS A 48 -1.16 -23.90 21.94
C LYS A 48 -0.14 -23.24 22.87
N GLU A 49 0.58 -24.04 23.68
CA GLU A 49 1.54 -23.46 24.62
C GLU A 49 2.69 -22.76 23.89
N ASP A 50 3.18 -23.31 22.78
CA ASP A 50 4.16 -22.58 21.98
C ASP A 50 3.61 -21.25 21.47
N MET A 51 2.39 -21.28 20.91
CA MET A 51 1.81 -20.02 20.44
C MET A 51 1.78 -19.00 21.56
N GLU A 52 1.34 -19.43 22.75
CA GLU A 52 1.20 -18.45 23.82
C GLU A 52 2.55 -17.88 24.21
N LEU A 53 3.58 -18.74 24.23
CA LEU A 53 4.92 -18.29 24.55
C LEU A 53 5.44 -17.25 23.54
N ASP A 54 5.20 -17.51 22.26
CA ASP A 54 5.62 -16.59 21.24
C ASP A 54 4.88 -15.27 21.34
N ILE A 55 3.55 -15.32 21.59
CA ILE A 55 2.77 -14.08 21.67
C ILE A 55 3.27 -13.27 22.87
N GLY A 56 3.51 -13.96 23.99
CA GLY A 56 4.03 -13.37 25.21
C GLY A 56 5.37 -12.70 25.04
N LYS A 57 6.12 -13.06 24.01
CA LYS A 57 7.40 -12.38 23.77
C LYS A 57 7.32 -11.21 22.80
N MET A 58 6.16 -10.96 22.18
CA MET A 58 6.09 -9.81 21.29
C MET A 58 6.24 -8.51 22.06
N GLU A 59 6.88 -7.55 21.40
CA GLU A 59 7.44 -6.41 22.10
C GLU A 59 6.60 -5.18 21.94
N PHE A 60 5.37 -5.31 21.48
CA PHE A 60 4.62 -4.11 21.20
C PHE A 60 3.48 -4.06 22.21
N ASP A 61 3.02 -2.86 22.48
CA ASP A 61 1.97 -2.62 23.44
C ASP A 61 0.65 -3.15 22.89
N PHE A 62 0.02 -4.13 23.59
CA PHE A 62 -1.27 -4.62 23.09
C PHE A 62 -2.42 -3.63 23.33
N LYS A 63 -2.21 -2.54 24.11
CA LYS A 63 -3.18 -1.43 24.18
C LYS A 63 -4.58 -1.90 24.54
N GLY A 64 -4.63 -2.85 25.46
CA GLY A 64 -5.92 -3.31 25.91
C GLY A 64 -6.55 -4.39 25.07
N THR A 65 -6.00 -4.73 23.92
CA THR A 65 -6.53 -5.85 23.15
C THR A 65 -6.02 -7.17 23.73
N SER A 66 -6.90 -8.16 23.83
CA SER A 66 -6.44 -9.44 24.35
C SER A 66 -6.36 -10.45 23.19
N VAL A 67 -5.31 -11.27 23.20
CA VAL A 67 -5.10 -12.25 22.14
C VAL A 67 -5.28 -13.64 22.77
N ILE A 68 -6.09 -14.46 22.13
CA ILE A 68 -6.35 -15.83 22.53
C ILE A 68 -5.80 -16.76 21.44
N CYS A 69 -5.15 -17.85 21.85
CA CYS A 69 -4.54 -18.82 20.96
C CYS A 69 -5.27 -20.16 21.08
N ARG A 70 -5.50 -20.80 19.95
CA ARG A 70 -6.08 -22.13 19.90
C ARG A 70 -5.35 -22.92 18.82
N SER A 71 -5.28 -24.22 19.06
CA SER A 71 -4.62 -25.10 18.14
C SER A 71 -5.71 -25.75 17.31
N GLY A 72 -5.61 -25.64 16.01
CA GLY A 72 -6.58 -26.37 15.22
C GLY A 72 -6.44 -26.03 13.77
N SER A 73 -7.27 -26.81 12.93
CA SER A 73 -7.24 -26.67 11.48
C SER A 73 -8.43 -25.84 11.00
N PRO A 74 -8.22 -24.89 10.11
CA PRO A 74 -9.37 -24.14 9.57
C PRO A 74 -10.26 -25.00 8.66
N LEU A 75 -9.85 -26.24 8.32
CA LEU A 75 -10.71 -27.13 7.52
C LEU A 75 -11.63 -27.98 8.38
N ILE A 76 -11.53 -27.90 9.69
CA ILE A 76 -12.20 -28.79 10.60
C ILE A 76 -13.20 -27.94 11.36
N LEU A 77 -14.47 -28.14 11.07
CA LEU A 77 -15.54 -27.46 11.78
C LEU A 77 -15.35 -27.47 13.32
N ALA A 78 -15.03 -28.64 13.92
CA ALA A 78 -14.92 -28.64 15.39
C ALA A 78 -13.92 -27.57 15.88
N ASP A 79 -12.86 -27.38 15.10
CA ASP A 79 -11.81 -26.40 15.41
C ASP A 79 -12.28 -24.97 15.17
N LEU A 80 -13.00 -24.72 14.05
CA LEU A 80 -13.59 -23.40 13.78
C LEU A 80 -14.58 -22.97 14.86
N LYS A 81 -15.30 -23.91 15.43
CA LYS A 81 -16.19 -23.56 16.53
C LYS A 81 -15.46 -23.23 17.82
N LYS A 82 -14.31 -23.88 18.10
CA LYS A 82 -13.50 -23.44 19.26
C LYS A 82 -13.23 -21.93 19.26
N VAL A 83 -13.17 -21.29 18.09
CA VAL A 83 -12.82 -19.87 18.02
C VAL A 83 -13.99 -19.02 17.55
N SER A 84 -15.22 -19.51 17.67
CA SER A 84 -16.45 -18.76 17.40
C SER A 84 -16.42 -18.13 16.02
N VAL A 85 -16.06 -18.97 15.04
CA VAL A 85 -15.92 -18.49 13.65
C VAL A 85 -17.14 -17.70 13.19
N SER A 86 -18.34 -18.13 13.59
CA SER A 86 -19.52 -17.52 13.01
C SER A 86 -19.87 -16.18 13.64
N LYS A 87 -19.24 -15.82 14.77
CA LYS A 87 -19.51 -14.53 15.41
C LYS A 87 -18.41 -13.49 15.20
N ALA A 88 -17.32 -13.84 14.53
CA ALA A 88 -16.22 -12.90 14.34
C ALA A 88 -16.65 -11.77 13.41
N ARG A 89 -16.19 -10.53 13.67
CA ARG A 89 -16.50 -9.47 12.70
C ARG A 89 -15.65 -9.58 11.44
N THR A 90 -14.46 -10.17 11.54
CA THR A 90 -13.62 -10.39 10.37
C THR A 90 -12.87 -11.69 10.56
N ILE A 91 -12.59 -12.38 9.46
CA ILE A 91 -11.70 -13.55 9.48
C ILE A 91 -10.53 -13.29 8.53
N ILE A 92 -9.31 -13.35 9.04
CA ILE A 92 -8.14 -13.10 8.18
C ILE A 92 -7.41 -14.42 7.96
N VAL A 93 -7.17 -14.78 6.69
CA VAL A 93 -6.54 -16.05 6.34
C VAL A 93 -5.11 -15.71 5.95
N LEU A 94 -4.17 -15.96 6.86
CA LEU A 94 -2.78 -15.59 6.64
C LEU A 94 -2.10 -16.56 5.71
N ALA A 95 -1.28 -16.02 4.81
CA ALA A 95 -0.53 -16.90 3.92
C ALA A 95 0.51 -17.64 4.74
N GLU A 96 0.85 -18.85 4.30
CA GLU A 96 1.97 -19.56 4.88
C GLU A 96 3.28 -19.03 4.29
N ASP A 97 4.31 -18.92 5.12
CA ASP A 97 5.61 -18.54 4.55
C ASP A 97 6.06 -19.64 3.58
N GLY A 98 6.80 -19.26 2.55
CA GLY A 98 7.36 -20.30 1.68
C GLY A 98 6.72 -20.19 0.30
N ASN A 99 6.51 -21.34 -0.29
CA ASN A 99 6.08 -21.44 -1.67
C ASN A 99 4.69 -20.84 -1.85
N ALA A 100 4.59 -19.92 -2.83
CA ALA A 100 3.35 -19.20 -3.05
C ALA A 100 2.22 -20.15 -3.48
N ASP A 101 2.51 -21.11 -4.34
CA ASP A 101 1.40 -21.97 -4.79
C ASP A 101 0.87 -22.82 -3.65
N GLN A 102 1.75 -23.29 -2.77
CA GLN A 102 1.27 -24.11 -1.66
C GLN A 102 0.40 -23.29 -0.74
N SER A 103 0.89 -22.08 -0.46
CA SER A 103 0.13 -21.18 0.39
C SER A 103 -1.25 -20.90 -0.23
N ASP A 104 -1.28 -20.58 -1.53
CA ASP A 104 -2.58 -20.31 -2.16
C ASP A 104 -3.49 -21.52 -2.24
N ALA A 105 -2.95 -22.75 -2.37
CA ALA A 105 -3.78 -23.95 -2.30
C ALA A 105 -4.47 -24.07 -0.92
N ARG A 106 -3.72 -23.79 0.14
CA ARG A 106 -4.31 -23.78 1.47
C ARG A 106 -5.35 -22.66 1.62
N ALA A 107 -5.08 -21.50 1.06
CA ALA A 107 -6.06 -20.39 1.13
C ALA A 107 -7.38 -20.78 0.50
N LEU A 108 -7.33 -21.46 -0.65
CA LEU A 108 -8.55 -21.88 -1.33
C LEU A 108 -9.34 -22.89 -0.50
N ARG A 109 -8.66 -23.90 0.03
CA ARG A 109 -9.36 -24.85 0.90
C ARG A 109 -9.96 -24.16 2.12
N THR A 110 -9.21 -23.25 2.74
CA THR A 110 -9.77 -22.53 3.87
C THR A 110 -11.02 -21.75 3.49
N VAL A 111 -11.00 -21.07 2.35
CA VAL A 111 -12.17 -20.27 1.97
C VAL A 111 -13.34 -21.20 1.75
N LEU A 112 -13.12 -22.33 1.11
CA LEU A 112 -14.23 -23.29 0.93
C LEU A 112 -14.76 -23.79 2.28
N SER A 113 -13.85 -24.06 3.20
CA SER A 113 -14.28 -24.52 4.51
C SER A 113 -15.13 -23.45 5.19
N LEU A 114 -14.68 -22.20 5.15
CA LEU A 114 -15.42 -21.11 5.77
C LEU A 114 -16.78 -20.91 5.10
N THR A 115 -16.85 -20.96 3.77
CA THR A 115 -18.14 -20.81 3.15
C THR A 115 -19.05 -21.99 3.44
N GLY A 116 -18.49 -23.10 3.94
CA GLY A 116 -19.36 -24.21 4.33
C GLY A 116 -19.97 -24.14 5.72
N VAL A 117 -19.60 -23.18 6.55
CA VAL A 117 -20.09 -23.09 7.94
C VAL A 117 -21.59 -22.83 7.92
N LYS A 118 -22.36 -23.77 8.47
CA LYS A 118 -23.79 -23.72 8.14
C LYS A 118 -24.51 -22.64 8.91
N GLU A 119 -24.00 -22.29 10.09
CA GLU A 119 -24.48 -21.15 10.82
C GLU A 119 -24.17 -19.81 10.13
N GLY A 120 -23.38 -19.81 9.06
CA GLY A 120 -23.05 -18.58 8.39
C GLY A 120 -22.00 -17.77 9.12
N LEU A 121 -21.64 -16.65 8.51
CA LEU A 121 -20.60 -15.77 9.05
C LEU A 121 -21.18 -14.37 9.22
N ARG A 122 -20.80 -13.72 10.32
CA ARG A 122 -21.24 -12.35 10.58
C ARG A 122 -20.42 -11.33 9.81
N GLY A 123 -19.22 -11.72 9.38
CA GLY A 123 -18.25 -10.71 8.99
C GLY A 123 -17.75 -11.09 7.61
N HIS A 124 -16.68 -10.47 7.13
CA HIS A 124 -16.14 -10.82 5.82
C HIS A 124 -14.84 -11.57 6.08
N ILE A 125 -14.30 -12.20 5.01
CA ILE A 125 -13.02 -12.93 5.03
C ILE A 125 -12.00 -12.15 4.24
N VAL A 126 -10.85 -11.88 4.83
CA VAL A 126 -9.72 -11.22 4.14
C VAL A 126 -8.71 -12.33 3.87
N VAL A 127 -8.36 -12.56 2.60
CA VAL A 127 -7.48 -13.67 2.21
C VAL A 127 -6.16 -13.11 1.72
N GLU A 128 -5.07 -13.45 2.39
CA GLU A 128 -3.77 -13.02 1.91
C GLU A 128 -3.35 -13.99 0.78
N MET A 129 -3.35 -13.53 -0.45
CA MET A 129 -2.97 -14.39 -1.57
C MET A 129 -1.51 -14.10 -1.90
N SER A 130 -0.81 -15.12 -2.40
CA SER A 130 0.61 -14.98 -2.71
C SER A 130 0.89 -14.85 -4.21
N ASP A 131 -0.05 -15.24 -5.06
CA ASP A 131 0.22 -15.23 -6.51
C ASP A 131 -1.04 -14.76 -7.19
N LEU A 132 -0.89 -13.79 -8.09
CA LEU A 132 -2.06 -13.20 -8.75
C LEU A 132 -2.82 -14.23 -9.56
N ASP A 133 -2.12 -15.17 -10.16
CA ASP A 133 -2.80 -16.15 -11.03
C ASP A 133 -3.74 -17.06 -10.25
N ASN A 134 -3.59 -17.11 -8.94
CA ASN A 134 -4.47 -17.92 -8.12
C ASN A 134 -5.69 -17.16 -7.58
N GLU A 135 -5.74 -15.84 -7.78
CA GLU A 135 -6.79 -15.04 -7.16
C GLU A 135 -8.18 -15.31 -7.73
N VAL A 136 -8.31 -15.49 -9.05
CA VAL A 136 -9.66 -15.61 -9.65
C VAL A 136 -10.46 -16.76 -9.00
N LEU A 137 -9.81 -17.91 -8.82
CA LEU A 137 -10.52 -19.08 -8.32
C LEU A 137 -10.98 -18.85 -6.89
N VAL A 138 -10.13 -18.22 -6.06
CA VAL A 138 -10.53 -17.93 -4.69
C VAL A 138 -11.70 -16.95 -4.69
N LYS A 139 -11.64 -15.94 -5.57
CA LYS A 139 -12.77 -15.01 -5.59
C LYS A 139 -14.03 -15.70 -6.08
N LEU A 140 -13.87 -16.60 -7.06
CA LEU A 140 -15.02 -17.30 -7.61
C LEU A 140 -15.73 -18.11 -6.53
N VAL A 141 -14.98 -18.85 -5.70
CA VAL A 141 -15.67 -19.67 -4.71
C VAL A 141 -16.04 -18.88 -3.46
N GLY A 142 -15.45 -17.71 -3.22
CA GLY A 142 -15.72 -17.07 -1.94
C GLY A 142 -16.91 -16.13 -2.08
N GLY A 143 -17.26 -15.81 -3.34
CA GLY A 143 -18.36 -14.90 -3.61
C GLY A 143 -18.27 -13.59 -2.83
N ASP A 144 -19.42 -13.14 -2.29
CA ASP A 144 -19.52 -11.84 -1.65
C ASP A 144 -18.85 -11.81 -0.30
N LEU A 145 -18.41 -12.98 0.20
CA LEU A 145 -17.79 -13.03 1.55
C LEU A 145 -16.33 -12.57 1.55
N VAL A 146 -15.62 -12.72 0.42
CA VAL A 146 -14.16 -12.67 0.40
C VAL A 146 -13.64 -11.34 -0.17
N GLU A 147 -12.60 -10.80 0.47
CA GLU A 147 -11.72 -9.76 -0.08
C GLU A 147 -10.35 -10.39 -0.22
N THR A 148 -9.74 -10.29 -1.40
CA THR A 148 -8.37 -10.80 -1.55
C THR A 148 -7.36 -9.64 -1.52
N VAL A 149 -6.25 -9.88 -0.89
CA VAL A 149 -5.12 -8.94 -0.92
C VAL A 149 -3.95 -9.75 -1.45
N VAL A 150 -3.50 -9.43 -2.66
CA VAL A 150 -2.46 -10.25 -3.30
C VAL A 150 -1.14 -9.60 -2.92
N ALA A 151 -0.52 -10.13 -1.86
CA ALA A 151 0.62 -9.48 -1.23
C ALA A 151 1.78 -9.20 -2.21
N HIS A 152 2.16 -10.21 -2.97
CA HIS A 152 3.26 -10.10 -3.90
C HIS A 152 2.98 -8.96 -4.88
N ASP A 153 1.73 -8.88 -5.35
CA ASP A 153 1.37 -7.93 -6.38
C ASP A 153 1.36 -6.53 -5.82
N VAL A 154 0.83 -6.41 -4.62
CA VAL A 154 0.78 -5.09 -3.96
C VAL A 154 2.19 -4.54 -3.76
N ILE A 155 3.09 -5.37 -3.29
CA ILE A 155 4.44 -4.91 -3.01
C ILE A 155 5.11 -4.44 -4.30
N GLY A 156 4.92 -5.19 -5.40
CA GLY A 156 5.47 -4.73 -6.67
C GLY A 156 4.95 -3.36 -7.07
N ARG A 157 3.65 -3.14 -6.86
CA ARG A 157 3.05 -1.87 -7.26
C ARG A 157 3.56 -0.75 -6.39
N LEU A 158 3.70 -1.01 -5.09
CA LEU A 158 4.28 0.03 -4.22
C LEU A 158 5.73 0.30 -4.56
N MET A 159 6.52 -0.74 -4.85
CA MET A 159 7.92 -0.45 -5.22
C MET A 159 8.00 0.45 -6.46
N ILE A 160 7.17 0.18 -7.47
CA ILE A 160 7.18 1.04 -8.66
C ILE A 160 6.80 2.48 -8.30
N GLN A 161 5.76 2.65 -7.48
CA GLN A 161 5.37 4.05 -7.20
C GLN A 161 6.46 4.77 -6.45
N CYS A 162 7.14 4.08 -5.54
CA CYS A 162 8.22 4.72 -4.79
C CYS A 162 9.45 4.95 -5.65
N ALA A 163 9.70 4.08 -6.64
CA ALA A 163 10.77 4.34 -7.60
C ALA A 163 10.48 5.58 -8.44
N ARG A 164 9.24 5.74 -8.86
CA ARG A 164 8.85 6.90 -9.66
C ARG A 164 8.91 8.17 -8.83
N GLN A 165 8.52 8.11 -7.54
CA GLN A 165 8.43 9.31 -6.70
C GLN A 165 8.93 8.95 -5.30
N PRO A 166 10.17 9.20 -5.05
CA PRO A 166 10.80 8.62 -3.86
C PRO A 166 10.17 9.04 -2.55
N GLY A 167 9.90 10.32 -2.41
CA GLY A 167 9.21 10.75 -1.22
C GLY A 167 7.93 9.99 -0.94
N LEU A 168 7.39 9.20 -1.89
CA LEU A 168 6.15 8.50 -1.55
C LEU A 168 6.37 7.36 -0.60
N ALA A 169 7.61 6.84 -0.45
CA ALA A 169 7.75 5.69 0.43
C ALA A 169 7.36 6.08 1.85
N GLN A 170 7.78 7.27 2.29
CA GLN A 170 7.43 7.71 3.63
C GLN A 170 5.93 8.01 3.73
N ILE A 171 5.33 8.53 2.65
CA ILE A 171 3.91 8.85 2.69
C ILE A 171 3.08 7.58 2.77
N TRP A 172 3.37 6.61 1.91
CA TRP A 172 2.64 5.35 1.98
C TRP A 172 2.82 4.67 3.33
N GLU A 173 4.05 4.63 3.86
CA GLU A 173 4.23 4.04 5.20
C GLU A 173 3.36 4.76 6.23
N ASP A 174 3.23 6.07 6.13
CA ASP A 174 2.38 6.80 7.07
C ASP A 174 0.91 6.45 6.91
N ILE A 175 0.43 6.41 5.66
CA ILE A 175 -1.00 6.25 5.41
C ILE A 175 -1.44 4.82 5.65
N LEU A 176 -0.65 3.83 5.25
CA LEU A 176 -1.04 2.44 5.48
C LEU A 176 -1.04 2.10 6.98
N GLY A 177 -1.84 1.10 7.34
CA GLY A 177 -1.81 0.74 8.74
C GLY A 177 -2.49 1.82 9.64
N PHE A 178 -2.31 1.70 10.93
CA PHE A 178 -3.14 2.51 11.81
C PHE A 178 -2.36 3.49 12.68
N GLU A 179 -1.02 3.48 12.68
CA GLU A 179 -0.31 4.62 13.23
C GLU A 179 -0.61 5.85 12.37
N ASN A 180 -0.56 7.05 12.94
CA ASN A 180 -0.79 8.33 12.16
C ASN A 180 -2.21 8.30 11.59
N CYS A 181 -2.41 8.78 10.34
CA CYS A 181 -3.72 8.94 9.71
C CYS A 181 -3.97 7.89 8.63
N GLU A 182 -5.24 7.52 8.42
CA GLU A 182 -5.63 6.52 7.40
C GLU A 182 -7.06 6.80 6.92
N PHE A 183 -7.60 5.88 6.08
CA PHE A 183 -8.90 6.11 5.51
C PHE A 183 -10.03 5.62 6.43
N TYR A 184 -11.13 6.39 6.48
CA TYR A 184 -12.33 5.99 7.19
C TYR A 184 -13.52 6.34 6.32
N ILE A 185 -14.56 5.52 6.40
CA ILE A 185 -15.81 5.76 5.66
C ILE A 185 -16.92 5.84 6.69
N LYS A 186 -17.70 6.90 6.64
CA LYS A 186 -18.75 7.03 7.62
C LYS A 186 -19.84 7.92 7.06
N ARG A 187 -21.06 7.63 7.52
CA ARG A 187 -22.31 8.33 7.15
C ARG A 187 -22.53 9.54 8.06
N TRP A 188 -22.72 10.71 7.43
CA TRP A 188 -23.00 12.01 8.06
C TRP A 188 -24.28 12.62 7.49
N PRO A 189 -25.42 12.26 8.06
CA PRO A 189 -26.71 12.77 7.53
C PRO A 189 -26.81 14.26 7.53
N GLN A 190 -26.12 14.93 8.46
CA GLN A 190 -26.28 16.37 8.46
C GLN A 190 -25.61 17.00 7.23
N LEU A 191 -24.85 16.23 6.45
CA LEU A 191 -24.23 16.75 5.23
C LEU A 191 -25.04 16.47 3.94
N ASP A 192 -26.19 15.79 4.04
CA ASP A 192 -26.98 15.57 2.82
C ASP A 192 -27.35 16.90 2.18
N GLY A 193 -27.28 16.96 0.87
CA GLY A 193 -27.60 18.19 0.15
C GLY A 193 -26.42 19.12 -0.06
N MET A 194 -25.32 18.94 0.67
CA MET A 194 -24.10 19.71 0.47
C MET A 194 -23.40 19.32 -0.84
N LEU A 195 -22.73 20.30 -1.43
CA LEU A 195 -21.85 20.01 -2.55
C LEU A 195 -20.55 19.42 -2.05
N PHE A 196 -19.95 18.56 -2.86
CA PHE A 196 -18.72 17.93 -2.39
C PHE A 196 -17.63 18.98 -2.13
N GLU A 197 -17.66 20.08 -2.86
CA GLU A 197 -16.65 21.13 -2.67
C GLU A 197 -16.75 21.79 -1.28
N ASP A 198 -17.94 21.84 -0.68
CA ASP A 198 -18.11 22.31 0.70
C ASP A 198 -17.79 21.21 1.71
N VAL A 199 -18.21 19.97 1.43
CA VAL A 199 -17.84 18.84 2.26
C VAL A 199 -16.32 18.80 2.45
N LEU A 200 -15.57 19.08 1.39
CA LEU A 200 -14.11 19.03 1.42
C LEU A 200 -13.55 19.89 2.55
N ILE A 201 -14.14 21.06 2.79
CA ILE A 201 -13.61 22.00 3.76
C ILE A 201 -14.40 21.98 5.07
N SER A 202 -15.21 20.94 5.30
CA SER A 202 -16.09 20.88 6.46
C SER A 202 -15.55 20.14 7.69
N PHE A 203 -14.39 19.50 7.62
CA PHE A 203 -13.92 18.74 8.80
C PHE A 203 -12.61 19.28 9.32
N PRO A 204 -12.59 20.00 10.43
CA PRO A 204 -11.32 20.51 10.95
C PRO A 204 -10.23 19.43 11.06
N ALA A 205 -10.61 18.18 11.38
CA ALA A 205 -9.63 17.13 11.67
C ALA A 205 -9.59 16.04 10.60
N ALA A 206 -10.03 16.32 9.39
CA ALA A 206 -10.02 15.28 8.35
C ALA A 206 -10.00 15.89 6.96
N ILE A 207 -9.61 15.04 6.00
CA ILE A 207 -9.67 15.46 4.60
C ILE A 207 -10.55 14.52 3.78
N PRO A 208 -11.71 14.95 3.28
CA PRO A 208 -12.55 14.11 2.41
C PRO A 208 -11.84 13.82 1.10
N CYS A 209 -11.75 12.54 0.77
CA CYS A 209 -11.14 12.07 -0.46
C CYS A 209 -12.15 11.45 -1.40
N GLY A 210 -13.35 11.11 -0.93
CA GLY A 210 -14.32 10.56 -1.86
C GLY A 210 -15.64 10.27 -1.19
N ILE A 211 -16.56 9.69 -1.97
CA ILE A 211 -17.93 9.48 -1.50
C ILE A 211 -18.32 8.04 -1.81
N LYS A 212 -18.99 7.38 -0.87
CA LYS A 212 -19.62 6.09 -1.14
C LYS A 212 -21.00 6.45 -1.63
N VAL A 213 -21.31 6.15 -2.90
CA VAL A 213 -22.52 6.70 -3.52
C VAL A 213 -23.61 5.64 -3.43
N ALA A 214 -24.69 5.96 -2.76
CA ALA A 214 -25.69 4.96 -2.49
C ALA A 214 -26.45 4.56 -3.77
N SER A 215 -26.61 5.50 -4.71
CA SER A 215 -27.34 5.18 -5.95
C SER A 215 -26.53 4.33 -6.91
N TYR A 216 -25.24 4.11 -6.62
CA TYR A 216 -24.33 3.27 -7.39
C TYR A 216 -24.14 1.92 -6.74
N GLY A 217 -24.98 1.56 -5.78
CA GLY A 217 -24.79 0.32 -5.06
C GLY A 217 -23.75 0.38 -3.94
N GLY A 218 -23.38 1.57 -3.46
CA GLY A 218 -22.33 1.66 -2.46
C GLY A 218 -20.94 1.74 -3.04
N LYS A 219 -20.81 1.99 -4.33
CA LYS A 219 -19.52 2.14 -4.97
C LYS A 219 -18.80 3.37 -4.44
N ILE A 220 -17.48 3.24 -4.24
CA ILE A 220 -16.65 4.32 -3.74
C ILE A 220 -16.13 5.11 -4.94
N ILE A 221 -16.38 6.41 -4.93
CA ILE A 221 -15.89 7.31 -5.97
C ILE A 221 -14.82 8.19 -5.33
N LEU A 222 -13.58 7.94 -5.69
CA LEU A 222 -12.46 8.79 -5.26
C LEU A 222 -12.46 10.08 -6.06
N ASN A 223 -12.15 11.21 -5.40
CA ASN A 223 -11.95 12.46 -6.12
C ASN A 223 -13.18 12.74 -6.98
N PRO A 224 -14.38 12.82 -6.39
CA PRO A 224 -15.57 13.15 -7.18
C PRO A 224 -15.56 14.61 -7.65
N ASP A 225 -16.48 14.93 -8.58
CA ASP A 225 -16.65 16.32 -8.99
C ASP A 225 -17.06 17.22 -7.83
N ASP A 226 -16.59 18.48 -7.86
CA ASP A 226 -16.96 19.43 -6.81
C ASP A 226 -18.45 19.67 -6.74
N SER A 227 -19.17 19.55 -7.87
CA SER A 227 -20.60 19.81 -7.95
C SER A 227 -21.50 18.64 -7.51
N TYR A 228 -20.92 17.46 -7.22
CA TYR A 228 -21.69 16.33 -6.70
C TYR A 228 -22.42 16.74 -5.43
N VAL A 229 -23.72 16.48 -5.40
CA VAL A 229 -24.58 16.77 -4.27
C VAL A 229 -24.78 15.51 -3.45
N LEU A 230 -24.40 15.53 -2.17
CA LEU A 230 -24.54 14.32 -1.35
C LEU A 230 -26.02 13.96 -1.18
N GLN A 231 -26.34 12.71 -1.49
CA GLN A 231 -27.70 12.18 -1.40
C GLN A 231 -27.86 11.33 -0.16
N GLU A 232 -29.11 11.17 0.27
CA GLU A 232 -29.38 10.29 1.42
C GLU A 232 -28.79 8.90 1.19
N GLY A 233 -28.06 8.40 2.20
CA GLY A 233 -27.38 7.12 2.12
C GLY A 233 -25.91 7.21 1.74
N ASP A 234 -25.50 8.32 1.16
CA ASP A 234 -24.10 8.45 0.80
C ASP A 234 -23.25 8.49 2.07
N GLU A 235 -22.00 8.02 1.97
CA GLU A 235 -21.05 8.21 3.07
C GLU A 235 -19.79 8.91 2.58
N VAL A 236 -19.02 9.48 3.51
CA VAL A 236 -17.86 10.24 3.12
C VAL A 236 -16.67 9.37 3.45
N LEU A 237 -15.75 9.25 2.48
CA LEU A 237 -14.39 8.78 2.73
C LEU A 237 -13.45 9.91 3.12
N VAL A 238 -12.69 9.74 4.21
CA VAL A 238 -11.76 10.76 4.66
C VAL A 238 -10.45 10.06 4.96
N ILE A 239 -9.41 10.87 5.07
CA ILE A 239 -8.20 10.57 5.80
C ILE A 239 -8.34 11.26 7.16
N ALA A 240 -8.18 10.49 8.24
CA ALA A 240 -8.27 11.07 9.59
C ALA A 240 -7.42 10.28 10.55
N GLU A 241 -7.24 10.83 11.76
CA GLU A 241 -6.29 10.14 12.66
C GLU A 241 -6.87 8.84 13.19
N ASP A 242 -8.19 8.75 13.44
CA ASP A 242 -8.76 7.52 13.98
C ASP A 242 -10.24 7.58 13.61
N ASP A 243 -10.99 6.50 13.90
CA ASP A 243 -12.35 6.50 13.43
C ASP A 243 -13.22 7.53 14.16
N ASP A 244 -12.79 8.02 15.34
CA ASP A 244 -13.65 8.83 16.19
C ASP A 244 -13.07 10.23 16.46
N THR A 245 -12.10 10.68 15.68
CA THR A 245 -11.41 11.93 16.00
C THR A 245 -11.92 13.09 15.17
N TYR A 246 -12.86 12.87 14.28
CA TYR A 246 -13.24 13.93 13.36
C TYR A 246 -14.77 14.00 13.18
N ALA A 247 -15.22 15.17 12.80
CA ALA A 247 -16.64 15.46 12.63
C ALA A 247 -16.77 16.77 11.88
N PRO A 248 -17.91 17.02 11.25
CA PRO A 248 -18.07 18.23 10.45
C PRO A 248 -18.42 19.40 11.31
N ALA A 249 -18.05 20.56 10.82
CA ALA A 249 -18.24 21.77 11.56
C ALA A 249 -18.75 22.84 10.58
N PRO A 250 -19.25 23.96 11.05
CA PRO A 250 -19.74 25.01 10.13
C PRO A 250 -18.64 25.39 9.15
N LEU A 251 -19.06 25.70 7.94
CA LEU A 251 -18.12 26.03 6.87
C LEU A 251 -17.19 27.17 7.25
N PRO A 252 -15.88 27.01 7.17
CA PRO A 252 -15.00 28.19 7.21
C PRO A 252 -15.18 29.00 5.93
N MET A 253 -14.89 30.32 5.98
CA MET A 253 -14.78 31.13 4.77
C MET A 253 -13.32 31.10 4.30
N VAL A 254 -13.11 30.63 3.07
CA VAL A 254 -11.77 30.39 2.52
C VAL A 254 -11.61 31.36 1.35
N ARG A 255 -10.54 32.17 1.39
CA ARG A 255 -10.25 33.03 0.24
C ARG A 255 -10.01 32.20 -1.02
N ARG A 256 -10.60 32.64 -2.14
CA ARG A 256 -10.44 31.95 -3.42
C ARG A 256 -9.34 32.65 -4.23
N GLY A 257 -8.85 31.98 -5.26
CA GLY A 257 -7.85 32.61 -6.11
C GLY A 257 -7.51 31.75 -7.30
N SER A 258 -6.46 32.14 -8.01
CA SER A 258 -6.09 31.36 -9.19
C SER A 258 -4.75 30.66 -8.99
N LEU A 259 -4.53 29.63 -9.78
CA LEU A 259 -3.22 28.96 -9.83
C LEU A 259 -2.23 29.83 -10.61
N PRO A 260 -1.02 30.08 -10.10
CA PRO A 260 -0.06 30.88 -10.89
C PRO A 260 0.55 30.18 -12.09
N LYS A 261 0.82 28.88 -11.99
CA LYS A 261 1.48 28.11 -13.06
C LYS A 261 0.74 26.78 -13.27
N ASP A 262 -0.54 26.86 -13.70
CA ASP A 262 -1.35 25.65 -13.98
C ASP A 262 -0.96 25.04 -15.34
N PHE A 263 0.25 24.50 -15.39
CA PHE A 263 0.82 23.98 -16.62
C PHE A 263 0.93 22.46 -16.52
N VAL A 264 1.19 21.84 -17.64
CA VAL A 264 1.62 20.43 -17.64
C VAL A 264 2.94 20.42 -18.36
N TYR A 265 3.96 19.93 -17.71
CA TYR A 265 5.21 19.90 -18.45
C TYR A 265 5.38 18.54 -19.11
N PRO A 266 6.06 18.48 -20.25
CA PRO A 266 6.33 17.16 -20.85
C PRO A 266 7.10 16.28 -19.87
N LYS A 267 6.50 15.15 -19.49
CA LYS A 267 7.14 14.24 -18.56
C LYS A 267 8.44 13.70 -19.18
N SER A 268 9.51 13.59 -18.34
CA SER A 268 10.76 13.25 -19.01
C SER A 268 10.93 11.72 -19.03
N PRO A 269 11.51 11.12 -20.06
CA PRO A 269 11.77 9.67 -20.00
C PRO A 269 12.62 9.29 -18.80
N GLU A 270 12.43 8.07 -18.32
CA GLU A 270 13.13 7.57 -17.14
C GLU A 270 13.88 6.29 -17.54
N ARG A 271 14.99 6.00 -16.85
CA ARG A 271 15.74 4.75 -17.06
C ARG A 271 15.70 4.03 -15.73
N ILE A 272 15.13 2.81 -15.71
CA ILE A 272 14.90 2.06 -14.48
C ILE A 272 15.62 0.72 -14.63
N LEU A 273 16.24 0.25 -13.53
CA LEU A 273 16.90 -1.05 -13.51
C LEU A 273 16.13 -1.97 -12.55
N PHE A 274 15.76 -3.19 -13.02
CA PHE A 274 15.23 -4.29 -12.18
C PHE A 274 16.36 -5.31 -12.03
N CYS A 275 16.83 -5.52 -10.79
CA CYS A 275 17.84 -6.58 -10.49
C CYS A 275 17.09 -7.78 -9.91
N GLY A 276 17.22 -8.91 -10.55
CA GLY A 276 16.55 -10.15 -10.16
C GLY A 276 15.37 -10.42 -11.05
N TRP A 277 15.05 -11.72 -11.25
CA TRP A 277 13.84 -12.14 -11.97
C TRP A 277 12.80 -12.46 -10.92
N ARG A 278 11.95 -11.50 -10.65
CA ARG A 278 10.91 -11.67 -9.65
C ARG A 278 9.82 -12.56 -10.21
N ARG A 279 9.26 -13.45 -9.40
CA ARG A 279 8.12 -14.23 -9.85
C ARG A 279 7.05 -13.30 -10.40
N ASP A 280 6.54 -13.65 -11.57
CA ASP A 280 5.43 -12.87 -12.18
C ASP A 280 5.90 -11.45 -12.54
N MET A 281 7.17 -11.30 -12.92
CA MET A 281 7.73 -9.97 -13.13
C MET A 281 7.08 -9.26 -14.32
N GLU A 282 6.45 -10.04 -15.22
CA GLU A 282 5.70 -9.38 -16.29
C GLU A 282 4.61 -8.50 -15.74
N ASP A 283 4.06 -8.81 -14.57
CA ASP A 283 3.02 -7.95 -14.00
C ASP A 283 3.61 -6.57 -13.62
N MET A 284 4.86 -6.54 -13.15
CA MET A 284 5.49 -5.25 -12.88
C MET A 284 5.81 -4.50 -14.16
N ILE A 285 6.19 -5.24 -15.21
CA ILE A 285 6.56 -4.58 -16.46
C ILE A 285 5.35 -3.90 -17.06
N THR A 286 4.19 -4.58 -16.96
CA THR A 286 2.94 -3.99 -17.46
C THR A 286 2.65 -2.71 -16.72
N VAL A 287 2.69 -2.76 -15.36
CA VAL A 287 2.45 -1.55 -14.57
C VAL A 287 3.42 -0.44 -14.99
N LEU A 288 4.72 -0.79 -15.15
CA LEU A 288 5.72 0.23 -15.44
C LEU A 288 5.44 0.84 -16.80
N ASP A 289 5.03 0.04 -17.77
CA ASP A 289 4.84 0.55 -19.12
C ASP A 289 3.68 1.53 -19.16
N ALA A 290 2.72 1.39 -18.27
CA ALA A 290 1.61 2.30 -18.24
C ALA A 290 1.85 3.46 -17.32
N SER A 291 3.02 3.52 -16.70
CA SER A 291 3.31 4.59 -15.76
C SER A 291 4.41 5.56 -16.24
N LEU A 292 5.30 5.14 -17.16
CA LEU A 292 6.44 5.99 -17.52
C LEU A 292 6.18 6.80 -18.79
N ALA A 293 6.91 7.91 -18.92
CA ALA A 293 6.85 8.70 -20.13
C ALA A 293 7.38 7.93 -21.33
N PRO A 294 7.04 8.35 -22.55
CA PRO A 294 7.51 7.60 -23.73
C PRO A 294 9.02 7.73 -23.89
N ASP A 295 9.58 6.76 -24.60
CA ASP A 295 11.03 6.60 -24.81
C ASP A 295 11.77 6.29 -23.51
N SER A 296 11.06 5.85 -22.47
CA SER A 296 11.73 5.30 -21.27
C SER A 296 12.31 3.91 -21.54
N GLU A 297 13.16 3.44 -20.61
CA GLU A 297 13.95 2.22 -20.77
C GLU A 297 13.85 1.46 -19.46
N LEU A 298 13.60 0.17 -19.57
CA LEU A 298 13.65 -0.79 -18.46
C LEU A 298 14.79 -1.75 -18.73
N TRP A 299 15.79 -1.75 -17.85
CA TRP A 299 16.91 -2.67 -17.87
C TRP A 299 16.58 -3.81 -16.92
N MET A 300 16.76 -5.03 -17.38
CA MET A 300 16.53 -6.17 -16.51
C MET A 300 17.86 -6.90 -16.41
N PHE A 301 18.44 -6.93 -15.22
CA PHE A 301 19.69 -7.64 -14.94
C PHE A 301 19.37 -8.84 -14.08
N ASN A 302 19.70 -10.06 -14.54
CA ASN A 302 19.34 -11.26 -13.77
C ASN A 302 19.98 -12.45 -14.48
N ASP A 303 19.83 -13.63 -13.90
CA ASP A 303 20.60 -14.75 -14.43
C ASP A 303 19.84 -15.56 -15.47
N VAL A 304 18.68 -15.08 -15.91
CA VAL A 304 17.92 -15.88 -16.88
C VAL A 304 18.51 -15.65 -18.26
N PRO A 305 18.84 -16.67 -19.04
CA PRO A 305 19.45 -16.42 -20.34
C PRO A 305 18.51 -15.63 -21.24
N GLU A 306 19.09 -14.68 -21.99
CA GLU A 306 18.25 -13.74 -22.75
C GLU A 306 17.28 -14.47 -23.66
N LYS A 307 17.77 -15.51 -24.35
CA LYS A 307 16.95 -16.30 -25.25
C LYS A 307 15.63 -16.72 -24.61
N GLU A 308 15.66 -17.05 -23.32
CA GLU A 308 14.54 -17.65 -22.61
C GLU A 308 13.61 -16.64 -21.96
N ARG A 309 13.98 -15.35 -21.99
CA ARG A 309 13.19 -14.39 -21.23
C ARG A 309 11.87 -14.13 -21.92
N GLU A 310 11.94 -14.05 -23.24
CA GLU A 310 10.75 -13.75 -24.02
C GLU A 310 9.68 -14.80 -23.76
N LYS A 311 10.09 -16.08 -23.68
CA LYS A 311 9.14 -17.15 -23.41
C LYS A 311 8.48 -16.95 -22.06
N LYS A 312 9.30 -16.66 -21.01
CA LYS A 312 8.69 -16.42 -19.72
C LYS A 312 7.70 -15.28 -19.78
N LEU A 313 8.03 -14.22 -20.52
CA LEU A 313 7.15 -13.05 -20.47
C LEU A 313 5.87 -13.30 -21.25
N ILE A 314 6.01 -13.93 -22.42
CA ILE A 314 4.80 -14.18 -23.22
C ILE A 314 3.87 -15.19 -22.51
N ASP A 315 4.44 -16.21 -21.85
CA ASP A 315 3.57 -17.13 -21.10
C ASP A 315 2.87 -16.47 -19.93
N GLY A 316 3.45 -15.39 -19.34
CA GLY A 316 2.71 -14.69 -18.31
C GLY A 316 1.78 -13.64 -18.84
N GLY A 317 1.57 -13.63 -20.15
CA GLY A 317 0.61 -12.74 -20.73
C GLY A 317 1.13 -11.41 -21.20
N LEU A 318 2.45 -11.17 -21.22
CA LEU A 318 2.97 -9.88 -21.69
C LEU A 318 3.38 -9.95 -23.16
N ASP A 319 2.77 -9.10 -24.01
CA ASP A 319 3.23 -8.96 -25.40
C ASP A 319 4.26 -7.85 -25.48
N ILE A 320 5.55 -8.20 -25.62
CA ILE A 320 6.56 -7.17 -25.58
C ILE A 320 6.62 -6.38 -26.87
N SER A 321 5.88 -6.77 -27.89
CA SER A 321 5.83 -5.95 -29.09
C SER A 321 4.77 -4.87 -29.03
N ARG A 322 3.88 -4.89 -28.04
CA ARG A 322 2.92 -3.82 -27.87
C ARG A 322 3.22 -2.90 -26.70
N LEU A 323 4.44 -2.89 -26.19
CA LEU A 323 4.76 -1.95 -25.13
C LEU A 323 4.70 -0.54 -25.69
N GLU A 324 4.08 0.38 -24.95
CA GLU A 324 3.87 1.72 -25.52
C GLU A 324 4.98 2.71 -25.16
N ASN A 325 5.47 2.66 -23.94
CA ASN A 325 6.36 3.69 -23.43
C ASN A 325 7.79 3.22 -23.11
N ILE A 326 8.02 1.92 -22.87
CA ILE A 326 9.36 1.49 -22.47
C ILE A 326 9.94 0.57 -23.54
N SER A 327 11.27 0.65 -23.71
CA SER A 327 12.09 -0.35 -24.38
C SER A 327 12.80 -1.20 -23.32
N LEU A 328 13.00 -2.47 -23.63
CA LEU A 328 13.57 -3.41 -22.66
C LEU A 328 15.01 -3.63 -23.07
N VAL A 329 15.93 -3.57 -22.11
CA VAL A 329 17.35 -3.85 -22.33
C VAL A 329 17.66 -5.03 -21.42
N ASN A 330 18.19 -6.12 -21.99
CA ASN A 330 18.43 -7.31 -21.18
C ASN A 330 19.91 -7.47 -20.88
N ARG A 331 20.27 -7.75 -19.63
CA ARG A 331 21.64 -8.10 -19.33
C ARG A 331 21.63 -9.33 -18.42
N GLU A 332 22.59 -10.23 -18.66
CA GLU A 332 22.63 -11.49 -17.92
C GLU A 332 23.79 -11.47 -16.93
N GLY A 333 23.52 -11.83 -15.69
CA GLY A 333 24.57 -12.01 -14.70
C GLY A 333 24.01 -12.24 -13.32
N ASN A 334 24.94 -12.40 -12.36
CA ASN A 334 24.62 -12.72 -10.97
C ASN A 334 24.66 -11.43 -10.13
N ALA A 335 23.50 -11.03 -9.58
CA ALA A 335 23.38 -9.74 -8.87
C ALA A 335 24.16 -9.69 -7.56
N VAL A 336 24.79 -10.77 -7.14
CA VAL A 336 25.68 -10.66 -5.99
C VAL A 336 27.14 -10.71 -6.38
N ILE A 337 27.46 -10.66 -7.68
CA ILE A 337 28.86 -10.73 -8.12
C ILE A 337 29.31 -9.33 -8.55
N ARG A 338 30.30 -8.77 -7.84
CA ARG A 338 30.74 -7.41 -8.16
C ARG A 338 31.03 -7.21 -9.65
N ARG A 339 31.81 -8.12 -10.22
CA ARG A 339 32.28 -7.93 -11.57
C ARG A 339 31.14 -7.88 -12.55
N HIS A 340 30.03 -8.57 -12.28
CA HIS A 340 28.92 -8.48 -13.23
C HIS A 340 28.18 -7.16 -13.08
N LEU A 341 27.90 -6.75 -11.86
CA LEU A 341 27.24 -5.46 -11.67
C LEU A 341 28.01 -4.26 -12.22
N GLU A 342 29.35 -4.31 -12.17
CA GLU A 342 30.08 -3.13 -12.59
C GLU A 342 30.06 -2.92 -14.10
N SER A 343 29.56 -3.89 -14.88
CA SER A 343 29.41 -3.61 -16.29
C SER A 343 28.12 -2.85 -16.60
N LEU A 344 27.30 -2.60 -15.61
CA LEU A 344 26.06 -1.86 -15.80
C LEU A 344 26.36 -0.33 -15.74
N PRO A 345 25.61 0.46 -16.47
CA PRO A 345 25.76 1.93 -16.33
C PRO A 345 24.99 2.44 -15.12
N LEU A 346 25.49 2.04 -13.93
CA LEU A 346 24.73 2.23 -12.69
C LEU A 346 24.37 3.68 -12.44
N GLU A 347 25.29 4.59 -12.75
CA GLU A 347 25.13 6.02 -12.51
C GLU A 347 24.03 6.61 -13.38
N SER A 348 23.57 5.90 -14.38
CA SER A 348 22.61 6.47 -15.32
C SER A 348 21.16 6.18 -14.96
N PHE A 349 20.92 5.32 -13.96
CA PHE A 349 19.54 4.93 -13.63
C PHE A 349 18.85 5.96 -12.74
N ASP A 350 17.63 6.29 -13.12
CA ASP A 350 16.80 7.13 -12.26
C ASP A 350 16.39 6.38 -11.00
N SER A 351 16.19 5.08 -11.13
CA SER A 351 15.99 4.29 -9.93
C SER A 351 16.38 2.86 -10.20
N ILE A 352 16.65 2.15 -9.12
CA ILE A 352 17.05 0.76 -9.22
C ILE A 352 16.19 0.03 -8.22
N LEU A 353 15.49 -1.03 -8.68
CA LEU A 353 14.74 -1.94 -7.79
C LEU A 353 15.50 -3.25 -7.63
N ILE A 354 15.82 -3.62 -6.38
CA ILE A 354 16.44 -4.92 -6.11
C ILE A 354 15.29 -5.84 -5.68
N LEU A 355 15.02 -6.88 -6.48
CA LEU A 355 13.81 -7.67 -6.35
C LEU A 355 14.16 -9.05 -5.79
N ALA A 356 13.25 -9.63 -5.01
CA ALA A 356 13.53 -10.98 -4.52
C ALA A 356 13.37 -11.94 -5.69
N ASP A 357 14.41 -12.65 -5.99
CA ASP A 357 14.45 -13.46 -7.21
C ASP A 357 13.59 -14.71 -7.06
N GLU A 358 12.89 -15.12 -8.13
CA GLU A 358 12.00 -16.27 -7.97
C GLU A 358 12.76 -17.53 -7.58
N SER A 359 14.08 -17.59 -7.86
CA SER A 359 14.78 -18.82 -7.48
C SER A 359 15.06 -18.95 -5.99
N VAL A 360 14.97 -17.88 -5.18
CA VAL A 360 15.23 -17.99 -3.75
C VAL A 360 14.11 -17.48 -2.87
N GLU A 361 12.99 -16.99 -3.44
CA GLU A 361 11.98 -16.30 -2.65
C GLU A 361 11.28 -17.23 -1.63
N ASP A 362 11.31 -18.53 -1.83
CA ASP A 362 10.71 -19.45 -0.88
C ASP A 362 11.44 -19.50 0.47
N SER A 363 12.64 -18.91 0.55
CA SER A 363 13.35 -18.74 1.84
C SER A 363 13.54 -17.24 2.06
N ALA A 364 12.74 -16.63 2.95
CA ALA A 364 12.89 -15.17 3.10
C ALA A 364 14.31 -14.81 3.58
N ILE A 365 14.90 -15.62 4.44
CA ILE A 365 16.22 -15.25 4.95
C ILE A 365 17.26 -15.28 3.83
N GLN A 366 17.17 -16.23 2.90
CA GLN A 366 18.09 -16.27 1.77
C GLN A 366 17.85 -15.15 0.77
N ALA A 367 16.57 -14.86 0.46
CA ALA A 367 16.27 -13.76 -0.46
C ALA A 367 16.75 -12.43 0.10
N ASP A 368 16.46 -12.20 1.36
CA ASP A 368 16.81 -10.90 1.96
C ASP A 368 18.30 -10.76 2.05
N SER A 369 19.01 -11.86 2.33
CA SER A 369 20.46 -11.79 2.36
C SER A 369 21.03 -11.38 0.99
N ARG A 370 20.49 -11.95 -0.10
CA ARG A 370 20.98 -11.55 -1.43
C ARG A 370 20.62 -10.10 -1.75
N SER A 371 19.35 -9.70 -1.49
CA SER A 371 19.00 -8.31 -1.79
C SER A 371 19.90 -7.32 -1.05
N LEU A 372 20.25 -7.59 0.21
CA LEU A 372 21.14 -6.66 0.95
C LEU A 372 22.56 -6.66 0.41
N ALA A 373 23.07 -7.84 0.01
CA ALA A 373 24.38 -7.91 -0.65
C ALA A 373 24.46 -7.05 -1.90
N THR A 374 23.44 -7.23 -2.76
CA THR A 374 23.38 -6.47 -4.02
C THR A 374 23.38 -4.99 -3.72
N LEU A 375 22.58 -4.59 -2.71
CA LEU A 375 22.52 -3.17 -2.31
C LEU A 375 23.90 -2.61 -2.01
N LEU A 376 24.60 -3.29 -1.10
CA LEU A 376 25.96 -2.89 -0.73
C LEU A 376 26.89 -2.83 -1.92
N LEU A 377 26.83 -3.83 -2.81
CA LEU A 377 27.74 -3.83 -3.96
C LEU A 377 27.47 -2.67 -4.91
N ILE A 378 26.20 -2.41 -5.18
CA ILE A 378 25.90 -1.30 -6.08
C ILE A 378 26.46 0.00 -5.51
N ARG A 379 26.25 0.23 -4.20
CA ARG A 379 26.78 1.46 -3.58
C ARG A 379 28.29 1.53 -3.72
N ASP A 380 28.94 0.40 -3.48
CA ASP A 380 30.40 0.40 -3.39
C ASP A 380 31.04 0.56 -4.77
N ILE A 381 30.49 -0.12 -5.79
CA ILE A 381 30.96 0.05 -7.17
C ILE A 381 30.93 1.53 -7.55
N GLN A 382 29.78 2.16 -7.30
CA GLN A 382 29.66 3.58 -7.68
C GLN A 382 30.64 4.43 -6.91
N ALA A 383 30.73 4.24 -5.58
CA ALA A 383 31.66 5.03 -4.76
C ALA A 383 33.10 4.86 -5.24
N ARG A 384 33.49 3.65 -5.62
CA ARG A 384 34.88 3.39 -5.96
C ARG A 384 35.28 3.92 -7.33
N ARG A 385 34.33 4.15 -8.23
CA ARG A 385 34.71 4.75 -9.52
C ARG A 385 34.30 6.22 -9.63
N LEU A 386 34.10 6.90 -8.51
CA LEU A 386 33.75 8.32 -8.50
C LEU A 386 34.98 9.14 -8.20
N PRO A 387 35.59 9.84 -9.20
CA PRO A 387 36.82 10.57 -8.84
C PRO A 387 36.59 11.61 -7.73
N THR A 416 21.76 7.99 -5.66
CA THR A 416 20.83 7.29 -6.56
C THR A 416 19.71 6.55 -5.79
N VAL A 417 18.49 6.62 -6.32
CA VAL A 417 17.34 6.00 -5.65
C VAL A 417 17.37 4.47 -5.81
N ILE A 418 17.55 3.77 -4.69
CA ILE A 418 17.51 2.32 -4.72
C ILE A 418 16.44 1.85 -3.75
N ILE A 419 15.61 0.93 -4.19
CA ILE A 419 14.55 0.33 -3.38
C ILE A 419 14.83 -1.16 -3.32
N SER A 420 14.89 -1.74 -2.13
CA SER A 420 15.16 -3.16 -2.01
C SER A 420 13.97 -3.86 -1.35
N GLU A 421 13.51 -4.93 -1.98
CA GLU A 421 12.42 -5.73 -1.46
C GLU A 421 12.93 -6.58 -0.31
N ILE A 422 12.22 -6.51 0.83
CA ILE A 422 12.59 -7.33 2.01
C ILE A 422 11.38 -8.20 2.40
N LEU A 423 11.59 -9.50 2.45
CA LEU A 423 10.42 -10.36 2.65
C LEU A 423 10.05 -10.59 4.12
N ASP A 424 10.99 -10.61 5.07
CA ASP A 424 10.64 -10.86 6.48
C ASP A 424 10.43 -9.54 7.20
N PRO A 425 9.24 -9.17 7.73
CA PRO A 425 9.16 -7.87 8.46
C PRO A 425 10.18 -7.78 9.60
N ARG A 426 10.60 -8.89 10.20
CA ARG A 426 11.54 -8.76 11.32
C ARG A 426 12.89 -8.17 10.85
N THR A 427 13.32 -8.53 9.64
CA THR A 427 14.55 -7.97 9.07
C THR A 427 14.40 -6.48 8.80
N LYS A 428 13.21 -6.03 8.32
CA LYS A 428 13.02 -4.58 8.23
C LYS A 428 13.09 -3.93 9.61
N ASN A 429 12.43 -4.51 10.60
CA ASN A 429 12.49 -3.80 11.87
C ASN A 429 13.89 -3.79 12.41
N LEU A 430 14.66 -4.84 12.12
CA LEU A 430 16.00 -4.92 12.68
C LEU A 430 16.93 -3.88 12.05
N LEU A 431 16.63 -3.50 10.82
CA LEU A 431 17.40 -2.52 10.07
C LEU A 431 17.08 -1.08 10.44
N SER A 432 16.14 -0.87 11.35
CA SER A 432 15.44 0.41 11.43
C SER A 432 16.39 1.52 11.87
N MET A 433 17.36 1.24 12.74
CA MET A 433 18.27 2.32 13.12
C MET A 433 19.54 2.32 12.27
N SER A 434 19.56 1.54 11.21
CA SER A 434 20.63 1.55 10.23
C SER A 434 20.32 2.55 9.12
N LYS A 435 21.37 3.11 8.52
CA LYS A 435 21.17 3.90 7.30
C LYS A 435 20.52 3.08 6.18
N ILE A 436 20.89 1.79 6.11
CA ILE A 436 20.34 0.90 5.09
C ILE A 436 18.84 0.94 5.06
N SER A 437 18.19 1.25 6.20
CA SER A 437 16.73 1.28 6.30
C SER A 437 16.05 2.20 5.28
N ASP A 438 16.76 3.20 4.71
CA ASP A 438 16.12 4.08 3.71
C ASP A 438 15.96 3.38 2.38
N TYR A 439 16.66 2.27 2.20
CA TYR A 439 16.74 1.57 0.93
C TYR A 439 15.85 0.33 0.86
N VAL A 440 14.83 0.19 1.75
CA VAL A 440 14.09 -1.06 1.96
C VAL A 440 12.58 -0.82 1.99
N LEU A 441 11.80 -1.74 1.39
CA LEU A 441 10.34 -1.79 1.46
C LEU A 441 9.92 -3.22 1.80
N SER A 442 9.14 -3.43 2.87
CA SER A 442 8.97 -4.78 3.40
C SER A 442 7.51 -5.26 3.40
N ASN A 443 7.34 -6.57 3.60
CA ASN A 443 6.02 -7.19 3.81
C ASN A 443 5.27 -6.66 5.07
N GLU A 444 5.92 -5.82 5.90
CA GLU A 444 5.13 -5.14 6.95
C GLU A 444 3.97 -4.36 6.29
N LEU A 445 4.20 -3.84 5.09
CA LEU A 445 3.15 -3.11 4.38
C LEU A 445 1.98 -4.01 4.08
N VAL A 446 2.24 -5.32 3.90
CA VAL A 446 1.15 -6.27 3.68
C VAL A 446 0.34 -6.44 4.94
N SER A 447 1.00 -6.53 6.09
CA SER A 447 0.24 -6.63 7.31
C SER A 447 -0.62 -5.39 7.52
N MET A 448 -0.06 -4.21 7.14
CA MET A 448 -0.83 -2.99 7.31
C MET A 448 -2.03 -3.01 6.38
N ALA A 449 -1.83 -3.41 5.12
CA ALA A 449 -2.99 -3.53 4.20
C ALA A 449 -4.01 -4.54 4.69
N LEU A 450 -3.56 -5.69 5.20
CA LEU A 450 -4.50 -6.70 5.68
C LEU A 450 -5.34 -6.14 6.82
N ALA A 451 -4.68 -5.42 7.74
CA ALA A 451 -5.45 -4.89 8.88
C ALA A 451 -6.47 -3.85 8.40
N MET A 452 -6.09 -3.00 7.43
CA MET A 452 -7.04 -1.98 6.93
C MET A 452 -8.26 -2.66 6.29
N VAL A 453 -8.00 -3.72 5.53
CA VAL A 453 -9.14 -4.36 4.84
C VAL A 453 -9.94 -5.13 5.86
N ALA A 454 -9.30 -5.61 6.93
CA ALA A 454 -10.02 -6.31 7.96
C ALA A 454 -10.95 -5.35 8.69
N GLU A 455 -10.47 -4.14 8.93
CA GLU A 455 -11.28 -3.17 9.66
C GLU A 455 -12.43 -2.63 8.82
N ASP A 456 -12.23 -2.40 7.52
CA ASP A 456 -13.37 -1.99 6.65
C ASP A 456 -13.13 -2.51 5.25
N ARG A 457 -13.95 -3.46 4.80
CA ARG A 457 -13.60 -4.20 3.60
C ARG A 457 -13.52 -3.28 2.39
N GLN A 458 -14.28 -2.17 2.43
CA GLN A 458 -14.29 -1.24 1.29
C GLN A 458 -13.00 -0.48 1.13
N ILE A 459 -12.13 -0.52 2.14
CA ILE A 459 -10.84 0.10 1.92
C ILE A 459 -10.05 -0.69 0.89
N ASN A 460 -10.40 -1.98 0.65
CA ASN A 460 -9.64 -2.69 -0.38
C ASN A 460 -9.81 -1.98 -1.73
N ASP A 461 -11.04 -1.50 -2.02
CA ASP A 461 -11.30 -0.84 -3.30
C ASP A 461 -10.54 0.48 -3.40
N VAL A 462 -10.45 1.18 -2.27
CA VAL A 462 -9.70 2.44 -2.25
C VAL A 462 -8.23 2.19 -2.55
N LEU A 463 -7.64 1.21 -1.86
CA LEU A 463 -6.23 1.01 -2.10
C LEU A 463 -6.00 0.44 -3.51
N GLU A 464 -6.94 -0.42 -3.97
CA GLU A 464 -6.75 -0.97 -5.31
C GLU A 464 -6.66 0.17 -6.32
N GLU A 465 -7.53 1.17 -6.18
CA GLU A 465 -7.49 2.26 -7.17
C GLU A 465 -6.18 3.02 -7.05
N LEU A 466 -5.79 3.35 -5.82
CA LEU A 466 -4.58 4.15 -5.66
C LEU A 466 -3.32 3.40 -6.08
N PHE A 467 -3.33 2.06 -6.04
CA PHE A 467 -2.18 1.25 -6.50
C PHE A 467 -2.23 0.97 -8.00
N ALA A 468 -3.35 1.28 -8.67
CA ALA A 468 -3.57 0.89 -10.05
C ALA A 468 -3.06 1.96 -10.98
N GLU A 469 -2.80 1.55 -12.24
CA GLU A 469 -2.38 2.56 -13.21
C GLU A 469 -3.55 3.48 -13.56
N GLU A 470 -4.77 2.93 -13.58
CA GLU A 470 -5.97 3.69 -13.93
C GLU A 470 -6.42 4.56 -12.78
N GLY A 471 -7.21 5.60 -13.10
CA GLY A 471 -7.87 6.33 -12.01
C GLY A 471 -6.92 7.22 -11.22
N ASN A 472 -7.24 7.42 -9.94
CA ASN A 472 -6.52 8.39 -9.11
C ASN A 472 -5.27 7.74 -8.53
N GLU A 473 -4.29 8.56 -8.25
CA GLU A 473 -3.10 8.07 -7.54
C GLU A 473 -2.47 9.24 -6.78
N MET A 474 -1.49 8.93 -5.90
CA MET A 474 -0.81 10.00 -5.16
C MET A 474 0.37 10.58 -5.91
N HIS A 475 0.54 11.90 -5.79
CA HIS A 475 1.60 12.63 -6.48
C HIS A 475 2.15 13.66 -5.55
N ILE A 476 3.48 13.87 -5.64
CA ILE A 476 4.13 14.99 -4.98
C ILE A 476 4.41 16.06 -6.03
N ARG A 477 3.97 17.28 -5.76
CA ARG A 477 3.84 18.37 -6.73
C ARG A 477 4.63 19.57 -6.21
N GLN A 478 5.36 20.24 -7.13
CA GLN A 478 6.12 21.44 -6.77
C GLN A 478 5.16 22.54 -6.34
N ALA A 479 5.65 23.42 -5.44
CA ALA A 479 4.84 24.54 -4.95
C ALA A 479 4.56 25.59 -6.03
N ASP A 480 5.48 25.83 -6.99
CA ASP A 480 5.21 26.95 -7.90
C ASP A 480 3.98 26.73 -8.80
N ILE A 481 3.40 25.52 -8.83
CA ILE A 481 2.10 25.33 -9.48
C ILE A 481 1.01 26.10 -8.73
N TYR A 482 1.07 26.10 -7.40
CA TYR A 482 -0.02 26.54 -6.53
C TYR A 482 0.14 27.95 -5.95
N LEU A 483 1.35 28.47 -5.84
CA LEU A 483 1.56 29.71 -5.10
C LEU A 483 2.88 30.35 -5.53
N ARG A 484 3.03 31.62 -5.17
CA ARG A 484 4.22 32.41 -5.45
C ARG A 484 5.09 32.47 -4.20
N GLU A 485 6.39 32.76 -4.39
CA GLU A 485 7.33 32.74 -3.26
C GLU A 485 6.85 33.66 -2.17
N GLY A 486 6.69 33.11 -0.96
CA GLY A 486 6.35 33.87 0.22
C GLY A 486 4.88 34.21 0.37
N GLU A 487 4.02 33.68 -0.49
CA GLU A 487 2.60 33.94 -0.40
C GLU A 487 2.06 33.44 0.92
N GLU A 488 1.38 34.31 1.66
CA GLU A 488 0.84 33.92 2.98
C GLU A 488 -0.57 33.33 2.83
N MET A 489 -0.75 32.03 3.14
CA MET A 489 -2.08 31.46 2.97
C MET A 489 -2.23 30.19 3.82
N SER A 490 -3.49 29.74 3.98
CA SER A 490 -3.84 28.53 4.75
C SER A 490 -3.87 27.27 3.90
N PHE A 491 -3.84 26.12 4.59
CA PHE A 491 -3.93 24.84 3.89
C PHE A 491 -5.21 24.74 3.07
N TYR A 492 -6.34 25.15 3.65
CA TYR A 492 -7.58 25.14 2.87
C TYR A 492 -7.50 26.01 1.62
N GLU A 493 -6.87 27.19 1.71
CA GLU A 493 -6.76 28.03 0.52
C GLU A 493 -5.98 27.32 -0.57
N ILE A 494 -4.89 26.61 -0.21
CA ILE A 494 -4.18 25.88 -1.26
C ILE A 494 -5.06 24.77 -1.80
N MET A 495 -5.85 24.15 -0.92
CA MET A 495 -6.69 23.02 -1.28
C MET A 495 -7.69 23.44 -2.35
N LEU A 496 -8.27 24.62 -2.17
CA LEU A 496 -9.23 25.07 -3.19
C LEU A 496 -8.51 25.43 -4.49
N ARG A 497 -7.31 26.03 -4.41
CA ARG A 497 -6.59 26.18 -5.67
C ARG A 497 -6.37 24.82 -6.35
N ALA A 498 -5.98 23.82 -5.58
CA ALA A 498 -5.71 22.48 -6.13
C ALA A 498 -6.93 21.88 -6.80
N ARG A 499 -8.13 22.16 -6.29
CA ARG A 499 -9.35 21.69 -6.96
C ARG A 499 -9.50 22.24 -8.38
N GLN A 500 -8.92 23.40 -8.72
CA GLN A 500 -9.02 23.92 -10.09
C GLN A 500 -8.29 23.04 -11.08
N ARG A 501 -7.42 22.17 -10.61
CA ARG A 501 -6.76 21.22 -11.51
C ARG A 501 -7.15 19.80 -11.11
N ARG A 502 -8.23 19.71 -10.37
CA ARG A 502 -8.92 18.49 -10.08
C ARG A 502 -8.05 17.54 -9.24
N GLU A 503 -7.44 18.12 -8.20
CA GLU A 503 -6.61 17.40 -7.26
C GLU A 503 -7.28 17.50 -5.90
N ILE A 504 -7.19 16.45 -5.08
CA ILE A 504 -7.47 16.56 -3.65
C ILE A 504 -6.14 16.71 -2.91
N LEU A 505 -5.94 17.86 -2.26
CA LEU A 505 -4.75 18.13 -1.49
C LEU A 505 -4.83 17.43 -0.12
N ILE A 506 -3.90 16.51 0.14
CA ILE A 506 -3.95 15.79 1.42
C ILE A 506 -2.81 16.15 2.34
N GLY A 507 -1.76 16.79 1.85
CA GLY A 507 -0.70 17.17 2.77
C GLY A 507 0.40 17.97 2.10
N TYR A 508 1.54 18.06 2.77
CA TYR A 508 2.67 18.83 2.27
C TYR A 508 3.95 18.34 2.93
N ARG A 509 5.07 18.75 2.36
CA ARG A 509 6.34 18.57 3.01
C ARG A 509 7.13 19.86 2.88
N LEU A 510 7.39 20.50 4.02
CA LEU A 510 8.15 21.74 3.97
C LEU A 510 9.59 21.53 3.54
N ALA A 511 10.15 22.65 3.04
CA ALA A 511 11.46 22.69 2.39
C ALA A 511 12.54 21.91 3.17
N ASN A 512 12.71 22.14 4.47
CA ASN A 512 13.74 21.30 5.06
C ASN A 512 13.23 20.32 6.11
N ALA A 513 12.03 19.79 5.90
CA ALA A 513 11.50 18.78 6.80
C ALA A 513 11.85 17.41 6.27
N GLU A 514 12.15 16.51 7.19
CA GLU A 514 12.37 15.14 6.77
C GLU A 514 11.08 14.38 6.51
N ARG A 515 9.94 14.77 7.10
CA ARG A 515 8.69 14.05 6.90
C ARG A 515 7.60 14.97 6.38
N ALA A 516 6.81 14.42 5.44
CA ALA A 516 5.59 15.05 4.99
C ALA A 516 4.59 15.02 6.13
N VAL A 517 3.65 15.95 6.07
CA VAL A 517 2.54 16.03 7.03
C VAL A 517 1.27 15.74 6.27
N ILE A 518 0.57 14.71 6.65
CA ILE A 518 -0.69 14.34 5.98
C ILE A 518 -1.83 14.77 6.92
N ASN A 519 -2.94 15.24 6.38
CA ASN A 519 -4.05 15.74 7.18
C ASN A 519 -3.61 16.74 8.26
N PRO A 520 -3.04 17.89 7.85
CA PRO A 520 -2.42 18.82 8.83
C PRO A 520 -3.44 19.37 9.82
N PRO A 521 -3.01 19.66 11.02
CA PRO A 521 -3.81 20.49 11.95
C PRO A 521 -4.07 21.93 11.52
N ALA A 522 -5.18 22.46 11.99
CA ALA A 522 -5.42 23.91 11.89
C ALA A 522 -5.36 24.42 10.45
N LYS A 523 -6.23 23.83 9.64
CA LYS A 523 -6.19 24.01 8.20
C LYS A 523 -6.54 25.44 7.81
N THR A 524 -7.14 26.20 8.72
CA THR A 524 -7.43 27.61 8.42
C THR A 524 -6.31 28.59 8.79
N GLY A 525 -5.27 28.15 9.48
CA GLY A 525 -4.21 29.07 9.85
C GLY A 525 -3.33 29.40 8.66
N ARG A 526 -2.82 30.62 8.63
CA ARG A 526 -2.03 31.00 7.48
C ARG A 526 -0.54 30.87 7.78
N ARG A 527 0.27 30.66 6.73
CA ARG A 527 1.72 30.80 6.86
C ARG A 527 2.30 31.21 5.51
N LYS A 528 3.59 31.59 5.51
CA LYS A 528 4.31 31.98 4.30
C LYS A 528 5.01 30.76 3.71
N TRP A 529 4.67 30.42 2.47
CA TRP A 529 5.14 29.20 1.86
C TRP A 529 6.34 29.50 0.99
N SER A 530 7.09 28.46 0.70
CA SER A 530 8.29 28.57 -0.09
C SER A 530 8.13 27.75 -1.37
N LEU A 531 8.73 28.23 -2.46
CA LEU A 531 8.79 27.44 -3.69
C LEU A 531 9.52 26.11 -3.54
N LYS A 532 10.27 25.92 -2.45
CA LYS A 532 10.89 24.64 -2.13
C LYS A 532 10.02 23.72 -1.27
N ASP A 533 8.88 24.22 -0.79
CA ASP A 533 7.90 23.29 -0.21
C ASP A 533 7.31 22.44 -1.32
N VAL A 534 6.77 21.27 -0.95
CA VAL A 534 6.06 20.43 -1.94
C VAL A 534 4.71 20.01 -1.34
N PHE A 535 3.77 19.59 -2.22
CA PHE A 535 2.41 19.27 -1.82
C PHE A 535 2.09 17.84 -2.23
N VAL A 536 1.29 17.15 -1.41
CA VAL A 536 0.88 15.77 -1.64
C VAL A 536 -0.58 15.79 -2.08
N VAL A 537 -0.89 15.25 -3.27
CA VAL A 537 -2.25 15.27 -3.75
C VAL A 537 -2.66 13.89 -4.27
N ILE A 538 -3.98 13.72 -4.32
CA ILE A 538 -4.64 12.62 -5.02
C ILE A 538 -5.13 13.20 -6.32
N THR A 539 -4.77 12.54 -7.43
CA THR A 539 -5.06 13.11 -8.74
C THR A 539 -5.24 12.02 -9.79
N GLU A 540 -6.00 12.31 -10.86
CA GLU A 540 -5.88 11.46 -12.03
C GLU A 540 -4.66 11.82 -12.87
N LYS A 541 -4.26 10.93 -13.77
CA LYS A 541 -3.11 11.21 -14.62
C LYS A 541 -3.44 12.23 -15.71
N GLU A 542 -2.37 12.78 -16.33
CA GLU A 542 -2.39 13.46 -17.65
C GLU A 542 -3.58 13.18 -18.58
CA CA B . 2.14 -16.67 -11.10
CA CA C . -4.48 6.18 13.12
CA CA D . -9.94 2.92 16.17
MG MG E . -0.35 -13.71 -14.58
K K F . -1.99 5.20 8.93
NA NA G . -4.58 4.74 -9.79
#